data_7N35
#
_entry.id   7N35
#
_cell.length_a   50.866
_cell.length_b   50.866
_cell.length_c   155.018
_cell.angle_alpha   90.000
_cell.angle_beta   90.000
_cell.angle_gamma   120.000
#
_symmetry.space_group_name_H-M   'P 61'
#
_entity_poly.entity_id   1
_entity_poly.type   'polypeptide(L)'
_entity_poly.pdbx_seq_one_letter_code
;WQNSYLGKFLCVPNLEGRWHVDGHTRSEGGNTWEGELKIVQTWDKVRIHLKTKASHSDSVTASIIYDKGIGYQLLYNYRN
QPKTGEEHLTSHVGFAEFRFDADLKSAEGHYFNGQGRATYGTMTITRIEHA
;
_entity_poly.pdbx_strand_id   A,B
#
# COMPACT_ATOMS: atom_id res chain seq x y z
N PHE A 9 20.95 18.67 -9.91
CA PHE A 9 20.22 17.95 -10.94
C PHE A 9 18.83 17.53 -10.46
N LEU A 10 17.88 17.45 -11.40
CA LEU A 10 16.50 17.09 -11.09
C LEU A 10 16.00 16.12 -12.15
N CYS A 11 15.68 14.89 -11.75
CA CYS A 11 15.28 13.86 -12.68
C CYS A 11 14.03 13.15 -12.17
N VAL A 12 13.19 12.73 -13.11
CA VAL A 12 12.09 11.81 -12.83
C VAL A 12 12.14 10.70 -13.87
N PRO A 13 11.65 9.51 -13.55
CA PRO A 13 11.59 8.45 -14.57
C PRO A 13 10.45 8.70 -15.55
N ASN A 14 10.69 8.31 -16.81
CA ASN A 14 9.70 8.49 -17.87
C ASN A 14 8.74 7.31 -17.84
N LEU A 15 7.62 7.47 -17.16
CA LEU A 15 6.63 6.41 -17.00
C LEU A 15 5.45 6.55 -17.95
N GLU A 16 5.44 7.57 -18.81
CA GLU A 16 4.29 7.86 -19.64
C GLU A 16 4.08 6.76 -20.68
N GLY A 17 2.81 6.53 -21.02
CA GLY A 17 2.45 5.62 -22.09
C GLY A 17 1.50 4.54 -21.62
N ARG A 18 1.34 3.53 -22.46
CA ARG A 18 0.45 2.42 -22.18
C ARG A 18 1.23 1.22 -21.64
N TRP A 19 0.57 0.46 -20.77
CA TRP A 19 1.15 -0.70 -20.10
C TRP A 19 0.09 -1.81 -20.07
N HIS A 20 0.52 -3.04 -20.29
CA HIS A 20 -0.36 -4.19 -20.12
C HIS A 20 -0.33 -4.64 -18.66
N VAL A 21 -1.48 -5.07 -18.16
CA VAL A 21 -1.65 -5.39 -16.74
C VAL A 21 -2.16 -6.82 -16.65
N ASP A 22 -1.33 -7.72 -16.12
CA ASP A 22 -1.77 -9.04 -15.68
C ASP A 22 -2.09 -8.91 -14.19
N GLY A 23 -3.37 -8.85 -13.85
CA GLY A 23 -3.79 -8.72 -12.47
C GLY A 23 -4.30 -10.03 -11.92
N HIS A 24 -4.24 -10.15 -10.59
CA HIS A 24 -4.66 -11.37 -9.90
C HIS A 24 -5.08 -11.00 -8.49
N THR A 25 -6.36 -11.18 -8.18
CA THR A 25 -6.88 -10.91 -6.85
C THR A 25 -6.41 -12.00 -5.89
N ARG A 26 -5.65 -11.63 -4.87
CA ARG A 26 -5.14 -12.57 -3.89
C ARG A 26 -6.09 -12.79 -2.72
N SER A 27 -7.31 -12.26 -2.81
CA SER A 27 -8.32 -12.53 -1.80
C SER A 27 -8.91 -13.92 -2.03
N GLU A 28 -9.87 -14.30 -1.17
CA GLU A 28 -10.54 -15.57 -1.35
C GLU A 28 -11.29 -15.58 -2.68
N GLY A 29 -10.87 -16.42 -3.61
CA GLY A 29 -11.50 -16.45 -4.92
C GLY A 29 -10.80 -15.54 -5.91
N GLY A 30 -11.50 -15.28 -7.01
CA GLY A 30 -10.95 -14.49 -8.08
C GLY A 30 -10.08 -15.32 -9.01
N ASN A 31 -9.60 -14.69 -10.07
CA ASN A 31 -8.76 -15.35 -11.04
C ASN A 31 -7.90 -14.31 -11.73
N THR A 32 -7.08 -14.77 -12.68
CA THR A 32 -6.19 -13.88 -13.43
C THR A 32 -7.02 -13.01 -14.37
N TRP A 33 -7.11 -11.72 -14.04
CA TRP A 33 -7.76 -10.75 -14.90
C TRP A 33 -6.71 -9.96 -15.67
N GLU A 34 -7.17 -9.18 -16.64
CA GLU A 34 -6.29 -8.36 -17.46
C GLU A 34 -6.84 -6.96 -17.58
N GLY A 35 -5.93 -6.02 -17.81
CA GLY A 35 -6.33 -4.63 -18.02
C GLY A 35 -5.27 -3.87 -18.77
N GLU A 36 -5.63 -2.64 -19.14
CA GLU A 36 -4.70 -1.74 -19.78
C GLU A 36 -4.56 -0.48 -18.95
N LEU A 37 -3.31 -0.08 -18.71
CA LEU A 37 -2.98 1.08 -17.91
C LEU A 37 -2.48 2.19 -18.84
N LYS A 38 -2.98 3.40 -18.64
CA LYS A 38 -2.50 4.57 -19.35
C LYS A 38 -1.95 5.55 -18.32
N ILE A 39 -0.66 5.87 -18.45
CA ILE A 39 0.04 6.75 -17.53
C ILE A 39 0.31 8.06 -18.27
N VAL A 40 -0.39 9.12 -17.86
CA VAL A 40 -0.13 10.47 -18.37
C VAL A 40 0.80 11.16 -17.40
N GLN A 41 1.85 11.80 -17.93
CA GLN A 41 2.92 12.31 -17.09
C GLN A 41 3.35 13.70 -17.56
N THR A 42 3.32 14.65 -16.63
CA THR A 42 3.94 15.96 -16.79
C THR A 42 4.90 16.14 -15.62
N TRP A 43 6.18 15.86 -15.86
CA TRP A 43 7.23 15.90 -14.83
C TRP A 43 6.81 14.96 -13.70
N ASP A 44 6.84 15.38 -12.44
CA ASP A 44 6.48 14.49 -11.35
C ASP A 44 4.97 14.36 -11.18
N LYS A 45 4.17 15.05 -11.97
CA LYS A 45 2.72 14.96 -11.89
C LYS A 45 2.25 13.82 -12.79
N VAL A 46 1.67 12.78 -12.18
CA VAL A 46 1.30 11.57 -12.89
C VAL A 46 -0.18 11.28 -12.65
N ARG A 47 -0.87 10.85 -13.70
CA ARG A 47 -2.26 10.42 -13.62
C ARG A 47 -2.39 9.05 -14.27
N ILE A 48 -2.94 8.10 -13.53
CA ILE A 48 -3.09 6.73 -13.99
C ILE A 48 -4.55 6.50 -14.37
N HIS A 49 -4.75 5.66 -15.38
CA HIS A 49 -6.10 5.23 -15.76
C HIS A 49 -6.07 3.76 -16.15
N LEU A 50 -6.79 2.94 -15.38
CA LEU A 50 -6.85 1.51 -15.64
C LEU A 50 -8.22 1.16 -16.22
N LYS A 51 -8.23 0.49 -17.36
CA LYS A 51 -9.47 0.08 -18.00
C LYS A 51 -9.45 -1.41 -18.27
N THR A 52 -10.55 -2.08 -17.91
CA THR A 52 -10.72 -3.50 -18.15
C THR A 52 -12.05 -3.74 -18.87
N LYS A 53 -12.46 -5.00 -18.96
CA LYS A 53 -13.73 -5.37 -19.57
C LYS A 53 -14.88 -5.39 -18.58
N ALA A 54 -14.60 -5.18 -17.29
CA ALA A 54 -15.62 -5.14 -16.26
C ALA A 54 -15.82 -3.72 -15.72
N SER A 55 -14.78 -3.12 -15.14
CA SER A 55 -14.87 -1.79 -14.58
C SER A 55 -13.54 -1.08 -14.78
N HIS A 56 -13.60 0.25 -14.95
CA HIS A 56 -12.42 1.08 -15.08
C HIS A 56 -12.08 1.72 -13.75
N SER A 57 -10.82 2.15 -13.63
CA SER A 57 -10.27 2.66 -12.37
C SER A 57 -9.37 3.84 -12.66
N ASP A 58 -9.81 5.04 -12.27
CA ASP A 58 -9.02 6.25 -12.45
C ASP A 58 -8.29 6.58 -11.15
N SER A 59 -7.34 7.50 -11.23
CA SER A 59 -6.54 7.84 -10.05
C SER A 59 -6.75 9.31 -9.69
N VAL A 60 -6.39 9.67 -8.45
CA VAL A 60 -6.52 11.05 -8.01
C VAL A 60 -5.15 11.62 -7.66
N THR A 61 -4.64 11.27 -6.48
CA THR A 61 -3.33 11.76 -6.03
C THR A 61 -2.29 10.69 -6.32
N ALA A 62 -1.14 11.10 -6.85
CA ALA A 62 -0.06 10.19 -7.19
C ALA A 62 1.27 10.81 -6.79
N SER A 63 2.20 9.96 -6.37
CA SER A 63 3.53 10.39 -5.95
C SER A 63 4.58 9.38 -6.43
N ILE A 64 5.66 9.90 -7.00
CA ILE A 64 6.81 9.09 -7.38
C ILE A 64 7.86 9.20 -6.28
N ILE A 65 8.30 8.06 -5.77
CA ILE A 65 9.35 8.03 -4.75
C ILE A 65 10.43 7.04 -5.20
N TYR A 66 11.66 7.32 -4.79
CA TYR A 66 12.82 6.50 -5.10
C TYR A 66 13.54 6.16 -3.81
N ASP A 67 13.68 4.86 -3.52
CA ASP A 67 14.43 4.39 -2.37
C ASP A 67 15.64 3.61 -2.84
N LYS A 68 16.77 3.79 -2.16
CA LYS A 68 18.00 3.14 -2.55
C LYS A 68 17.88 1.62 -2.36
N GLY A 69 18.17 0.88 -3.42
CA GLY A 69 18.04 -0.56 -3.39
C GLY A 69 16.83 -1.07 -4.16
N ILE A 70 15.69 -0.43 -3.96
CA ILE A 70 14.45 -0.86 -4.62
C ILE A 70 14.36 -0.28 -6.02
N GLY A 71 14.49 1.03 -6.14
CA GLY A 71 14.30 1.74 -7.39
C GLY A 71 13.17 2.75 -7.28
N TYR A 72 12.50 2.98 -8.40
CA TYR A 72 11.41 3.95 -8.47
C TYR A 72 10.08 3.27 -8.14
N GLN A 73 9.44 3.73 -7.07
CA GLN A 73 8.13 3.26 -6.67
C GLN A 73 7.09 4.31 -7.02
N LEU A 74 5.92 3.85 -7.44
CA LEU A 74 4.81 4.72 -7.81
C LEU A 74 3.60 4.34 -6.97
N LEU A 75 3.12 5.26 -6.15
CA LEU A 75 2.03 5.02 -5.23
C LEU A 75 0.92 6.02 -5.50
N TYR A 76 -0.32 5.54 -5.64
CA TYR A 76 -1.43 6.43 -5.94
C TYR A 76 -2.73 5.89 -5.37
N ASN A 77 -3.56 6.80 -4.88
CA ASN A 77 -4.92 6.48 -4.49
C ASN A 77 -5.84 6.63 -5.70
N TYR A 78 -6.71 5.66 -5.90
CA TYR A 78 -7.54 5.60 -7.08
C TYR A 78 -9.02 5.47 -6.69
N ARG A 79 -9.86 5.33 -7.70
CA ARG A 79 -11.31 5.35 -7.57
C ARG A 79 -11.88 4.61 -8.78
N ASN A 80 -12.67 3.58 -8.53
CA ASN A 80 -13.28 2.83 -9.61
C ASN A 80 -14.54 3.55 -10.09
N GLN A 81 -14.99 3.18 -11.29
CA GLN A 81 -16.16 3.80 -11.91
C GLN A 81 -16.01 5.31 -12.02
N VAL A 93 -12.45 4.87 -3.21
CA VAL A 93 -11.04 5.17 -3.04
C VAL A 93 -10.26 3.95 -2.57
N GLY A 94 -9.35 3.49 -3.43
CA GLY A 94 -8.41 2.45 -3.09
C GLY A 94 -6.99 2.98 -3.19
N PHE A 95 -6.04 2.08 -2.99
CA PHE A 95 -4.62 2.41 -3.05
C PHE A 95 -3.88 1.36 -3.87
N ALA A 96 -3.10 1.82 -4.85
CA ALA A 96 -2.30 0.94 -5.68
C ALA A 96 -0.86 1.42 -5.67
N GLU A 97 0.07 0.47 -5.83
CA GLU A 97 1.48 0.84 -5.86
C GLU A 97 2.26 -0.15 -6.71
N PHE A 98 3.29 0.37 -7.38
CA PHE A 98 4.17 -0.41 -8.25
C PHE A 98 5.62 -0.11 -7.89
N ARG A 99 6.50 -1.03 -8.25
CA ARG A 99 7.95 -0.86 -8.12
C ARG A 99 8.57 -1.20 -9.46
N PHE A 100 9.01 -0.18 -10.20
CA PHE A 100 9.51 -0.42 -11.56
C PHE A 100 10.90 -1.04 -11.53
N ASP A 101 11.19 -1.85 -12.55
CA ASP A 101 12.51 -2.44 -12.69
C ASP A 101 12.88 -2.51 -14.17
N ALA A 102 14.14 -2.87 -14.42
CA ALA A 102 14.67 -3.13 -15.76
C ALA A 102 14.47 -1.93 -16.69
N ASP A 103 14.92 -0.76 -16.23
CA ASP A 103 14.88 0.48 -17.02
C ASP A 103 13.45 0.81 -17.47
N LEU A 104 12.52 0.69 -16.52
CA LEU A 104 11.13 1.14 -16.71
C LEU A 104 10.44 0.40 -17.85
N LYS A 105 10.69 -0.91 -17.95
CA LYS A 105 9.99 -1.77 -18.90
C LYS A 105 8.93 -2.63 -18.24
N SER A 106 9.09 -2.98 -16.97
CA SER A 106 8.13 -3.80 -16.27
C SER A 106 8.10 -3.39 -14.81
N ALA A 107 6.96 -3.62 -14.18
CA ALA A 107 6.77 -3.29 -12.78
C ALA A 107 5.82 -4.28 -12.15
N GLU A 108 6.03 -4.54 -10.86
CA GLU A 108 5.14 -5.35 -10.05
C GLU A 108 4.53 -4.46 -8.97
N GLY A 109 3.24 -4.63 -8.71
CA GLY A 109 2.59 -3.83 -7.69
C GLY A 109 1.41 -4.57 -7.12
N HIS A 110 0.75 -3.92 -6.18
CA HIS A 110 -0.45 -4.47 -5.56
C HIS A 110 -1.43 -3.35 -5.25
N TYR A 111 -2.68 -3.74 -5.03
CA TYR A 111 -3.76 -2.79 -4.79
C TYR A 111 -4.62 -3.28 -3.63
N PHE A 112 -5.36 -2.33 -3.05
CA PHE A 112 -6.23 -2.61 -1.92
C PHE A 112 -7.40 -1.63 -1.96
N ASN A 113 -8.62 -2.16 -1.90
CA ASN A 113 -9.83 -1.34 -1.88
C ASN A 113 -10.51 -1.38 -0.52
N THR A 119 -11.53 -7.07 -1.54
CA THR A 119 -10.86 -7.21 -2.83
C THR A 119 -9.45 -6.66 -2.79
N TYR A 120 -8.46 -7.54 -2.93
CA TYR A 120 -7.06 -7.13 -2.96
C TYR A 120 -6.28 -8.14 -3.77
N GLY A 121 -5.22 -7.66 -4.42
CA GLY A 121 -4.39 -8.53 -5.22
C GLY A 121 -3.20 -7.76 -5.78
N THR A 122 -2.56 -8.39 -6.76
CA THR A 122 -1.36 -7.86 -7.38
C THR A 122 -1.57 -7.63 -8.87
N MET A 123 -0.63 -6.90 -9.46
CA MET A 123 -0.64 -6.54 -10.87
C MET A 123 0.79 -6.55 -11.38
N THR A 124 0.99 -7.14 -12.56
CA THR A 124 2.27 -7.14 -13.25
C THR A 124 2.07 -6.38 -14.55
N ILE A 125 2.71 -5.22 -14.67
CA ILE A 125 2.54 -4.36 -15.82
C ILE A 125 3.82 -4.37 -16.65
N THR A 126 3.65 -4.35 -17.96
CA THR A 126 4.75 -4.29 -18.91
C THR A 126 4.51 -3.15 -19.88
N ARG A 127 5.54 -2.34 -20.10
CA ARG A 127 5.44 -1.20 -21.02
C ARG A 127 5.39 -1.70 -22.45
N ILE A 128 4.37 -1.29 -23.20
CA ILE A 128 4.20 -1.73 -24.57
C ILE A 128 5.36 -1.19 -25.41
N PHE B 9 -9.11 -26.57 10.18
CA PHE B 9 -8.82 -25.48 11.10
C PHE B 9 -9.08 -24.12 10.46
N LEU B 10 -9.57 -23.17 11.27
CA LEU B 10 -9.82 -21.80 10.84
C LEU B 10 -9.05 -20.88 11.77
N CYS B 11 -7.75 -20.74 11.51
CA CYS B 11 -6.84 -20.07 12.43
C CYS B 11 -6.47 -18.68 11.94
N VAL B 12 -6.39 -17.73 12.87
CA VAL B 12 -6.02 -16.35 12.57
C VAL B 12 -4.98 -15.91 13.59
N PRO B 13 -4.19 -14.89 13.26
CA PRO B 13 -3.18 -14.42 14.21
C PRO B 13 -3.76 -13.49 15.27
N ASN B 14 -3.15 -13.54 16.45
CA ASN B 14 -3.56 -12.70 17.58
C ASN B 14 -2.73 -11.43 17.54
N LEU B 15 -3.28 -10.38 16.94
CA LEU B 15 -2.61 -9.08 16.84
C LEU B 15 -3.20 -8.06 17.81
N GLU B 16 -4.13 -8.46 18.66
CA GLU B 16 -4.83 -7.51 19.52
C GLU B 16 -3.90 -6.96 20.59
N GLY B 17 -4.08 -5.67 20.92
CA GLY B 17 -3.37 -5.09 22.04
C GLY B 17 -2.73 -3.77 21.67
N ARG B 18 -1.75 -3.36 22.47
CA ARG B 18 -1.06 -2.09 22.30
C ARG B 18 0.34 -2.31 21.76
N TRP B 19 0.72 -1.48 20.81
CA TRP B 19 2.05 -1.52 20.21
C TRP B 19 2.63 -0.11 20.20
N HIS B 20 3.91 -0.01 20.53
CA HIS B 20 4.65 1.23 20.35
C HIS B 20 4.98 1.40 18.87
N VAL B 21 4.87 2.63 18.38
CA VAL B 21 5.03 2.94 16.96
C VAL B 21 6.18 3.95 16.83
N ASP B 22 7.23 3.54 16.13
CA ASP B 22 8.37 4.40 15.80
C ASP B 22 8.27 4.74 14.31
N GLY B 23 7.52 5.79 14.00
CA GLY B 23 7.32 6.17 12.62
C GLY B 23 8.38 7.12 12.08
N HIS B 24 8.55 7.09 10.77
CA HIS B 24 9.56 7.87 10.07
C HIS B 24 8.91 8.36 8.79
N THR B 25 8.57 9.66 8.76
CA THR B 25 7.97 10.29 7.59
C THR B 25 9.08 10.61 6.60
N ARG B 26 9.21 9.79 5.56
CA ARG B 26 10.17 10.04 4.50
C ARG B 26 9.64 11.00 3.44
N SER B 27 8.54 11.70 3.72
CA SER B 27 7.87 12.57 2.76
C SER B 27 7.92 14.02 3.23
N GLU B 28 8.46 14.88 2.38
CA GLU B 28 8.34 16.33 2.52
C GLU B 28 8.71 16.81 3.93
N GLY B 29 10.00 16.66 4.23
CA GLY B 29 10.53 17.18 5.49
C GLY B 29 9.92 16.55 6.73
N GLY B 30 9.83 15.23 6.75
CA GLY B 30 9.29 14.53 7.90
C GLY B 30 10.35 14.20 8.93
N ASN B 31 9.94 14.22 10.19
CA ASN B 31 10.81 13.88 11.31
C ASN B 31 10.36 12.57 11.94
N THR B 32 11.31 11.90 12.59
CA THR B 32 11.02 10.65 13.29
C THR B 32 10.04 10.87 14.43
N TRP B 33 8.83 10.35 14.29
CA TRP B 33 7.77 10.53 15.27
C TRP B 33 7.49 9.23 16.00
N GLU B 34 6.70 9.33 17.06
CA GLU B 34 6.32 8.18 17.86
C GLU B 34 4.82 8.22 18.13
N GLY B 35 4.28 7.04 18.43
CA GLY B 35 2.85 6.94 18.68
C GLY B 35 2.51 5.62 19.34
N GLU B 36 1.22 5.44 19.58
CA GLU B 36 0.71 4.23 20.22
C GLU B 36 -0.44 3.66 19.39
N LEU B 37 -0.37 2.37 19.11
CA LEU B 37 -1.35 1.69 18.28
C LEU B 37 -2.17 0.72 19.12
N LYS B 38 -3.49 0.73 18.92
CA LYS B 38 -4.42 -0.15 19.62
C LYS B 38 -5.15 -0.98 18.58
N ILE B 39 -5.07 -2.31 18.71
CA ILE B 39 -5.70 -3.24 17.78
C ILE B 39 -6.77 -3.99 18.55
N VAL B 40 -8.03 -3.72 18.22
CA VAL B 40 -9.18 -4.44 18.77
C VAL B 40 -9.62 -5.46 17.73
N GLN B 41 -9.53 -6.74 18.07
CA GLN B 41 -9.70 -7.82 17.12
C GLN B 41 -10.80 -8.76 17.57
N THR B 42 -11.79 -8.97 16.70
CA THR B 42 -12.78 -10.04 16.84
C THR B 42 -12.64 -10.93 15.62
N TRP B 43 -11.85 -12.01 15.76
CA TRP B 43 -11.59 -12.95 14.67
C TRP B 43 -11.05 -12.22 13.44
N ASP B 44 -11.84 -12.18 12.36
CA ASP B 44 -11.38 -11.50 11.15
C ASP B 44 -11.55 -9.99 11.25
N LYS B 45 -12.59 -9.53 11.94
CA LYS B 45 -12.79 -8.09 12.11
C LYS B 45 -11.67 -7.52 12.96
N VAL B 46 -11.05 -6.44 12.48
CA VAL B 46 -9.93 -5.80 13.16
C VAL B 46 -10.08 -4.29 13.05
N ARG B 47 -9.83 -3.59 14.15
CA ARG B 47 -9.85 -2.13 14.17
C ARG B 47 -8.55 -1.62 14.76
N ILE B 48 -8.04 -0.52 14.19
CA ILE B 48 -6.73 0.03 14.52
C ILE B 48 -6.88 1.50 14.85
N HIS B 49 -6.53 1.88 16.08
CA HIS B 49 -6.52 3.26 16.52
C HIS B 49 -5.08 3.70 16.73
N LEU B 50 -4.69 4.81 16.12
CA LEU B 50 -3.32 5.31 16.25
C LEU B 50 -3.36 6.67 16.94
N LYS B 51 -2.90 6.70 18.19
CA LYS B 51 -2.85 7.92 18.98
C LYS B 51 -1.42 8.45 18.98
N THR B 52 -1.23 9.65 18.42
CA THR B 52 0.09 10.26 18.34
C THR B 52 0.09 11.64 18.98
N LYS B 53 0.98 12.51 18.51
CA LYS B 53 0.96 13.91 18.94
C LYS B 53 -0.17 14.68 18.26
N ALA B 54 -0.35 14.48 16.96
CA ALA B 54 -1.35 15.22 16.18
C ALA B 54 -2.67 14.45 16.19
N SER B 55 -3.30 14.45 17.37
CA SER B 55 -4.60 13.81 17.60
C SER B 55 -4.48 12.33 17.24
N HIS B 56 -5.39 11.77 16.45
CA HIS B 56 -5.37 10.32 16.22
C HIS B 56 -6.10 9.99 14.93
N SER B 57 -5.98 8.72 14.53
CA SER B 57 -6.71 8.18 13.39
C SER B 57 -7.33 6.84 13.76
N ASP B 58 -8.44 6.53 13.11
CA ASP B 58 -9.16 5.28 13.34
C ASP B 58 -9.36 4.57 12.02
N SER B 59 -9.20 3.25 12.04
CA SER B 59 -9.32 2.45 10.82
C SER B 59 -10.73 2.48 10.27
N VAL B 60 -10.84 2.30 8.97
CA VAL B 60 -12.12 2.23 8.26
C VAL B 60 -12.40 0.82 7.75
N THR B 61 -11.50 0.27 6.95
CA THR B 61 -11.57 -1.11 6.52
C THR B 61 -10.19 -1.75 6.67
N ALA B 62 -10.18 -3.07 6.87
CA ALA B 62 -8.95 -3.81 7.12
C ALA B 62 -9.10 -5.25 6.64
N SER B 63 -7.95 -5.91 6.48
CA SER B 63 -7.91 -7.30 6.06
C SER B 63 -6.57 -7.89 6.44
N ILE B 64 -6.61 -9.12 6.96
CA ILE B 64 -5.41 -9.88 7.30
C ILE B 64 -5.14 -10.87 6.18
N ILE B 65 -3.89 -10.91 5.71
CA ILE B 65 -3.47 -11.85 4.69
C ILE B 65 -2.29 -12.64 5.23
N TYR B 66 -2.10 -13.85 4.71
CA TYR B 66 -0.91 -14.63 4.97
C TYR B 66 -0.32 -15.05 3.64
N ASP B 67 0.98 -14.82 3.46
CA ASP B 67 1.70 -15.28 2.28
C ASP B 67 2.91 -16.08 2.75
N LYS B 68 2.97 -17.35 2.34
CA LYS B 68 4.02 -18.25 2.81
C LYS B 68 5.39 -17.73 2.42
N GLY B 69 6.36 -17.99 3.29
CA GLY B 69 7.71 -17.48 3.14
C GLY B 69 7.90 -16.05 3.56
N ILE B 70 6.83 -15.26 3.65
CA ILE B 70 6.88 -13.88 4.08
C ILE B 70 6.26 -13.69 5.46
N GLY B 71 5.09 -14.28 5.68
CA GLY B 71 4.43 -14.25 6.97
C GLY B 71 3.04 -13.65 6.88
N TYR B 72 2.60 -13.07 8.00
CA TYR B 72 1.31 -12.43 8.11
C TYR B 72 1.43 -10.93 7.87
N GLN B 73 0.44 -10.38 7.17
CA GLN B 73 0.41 -8.96 6.82
C GLN B 73 -0.98 -8.41 7.13
N LEU B 74 -1.01 -7.17 7.58
CA LEU B 74 -2.26 -6.46 7.89
C LEU B 74 -2.35 -5.25 6.97
N LEU B 75 -3.39 -5.21 6.14
CA LEU B 75 -3.63 -4.09 5.24
C LEU B 75 -4.88 -3.35 5.72
N TYR B 76 -4.80 -2.02 5.78
CA TYR B 76 -5.99 -1.28 6.18
C TYR B 76 -5.93 0.14 5.66
N ASN B 77 -7.09 0.78 5.65
CA ASN B 77 -7.20 2.22 5.40
C ASN B 77 -7.73 2.90 6.66
N TYR B 78 -7.35 4.16 6.85
CA TYR B 78 -7.67 4.87 8.08
C TYR B 78 -8.12 6.29 7.74
N ARG B 79 -8.61 6.98 8.76
CA ARG B 79 -9.12 8.34 8.64
C ARG B 79 -8.50 9.18 9.75
N ASN B 80 -7.64 10.12 9.38
CA ASN B 80 -7.01 11.02 10.34
C ASN B 80 -8.01 11.99 10.92
N GLY B 94 -6.07 7.52 4.13
CA GLY B 94 -4.87 6.94 3.57
C GLY B 94 -4.83 5.43 3.65
N PHE B 95 -3.65 4.86 3.44
CA PHE B 95 -3.44 3.42 3.48
C PHE B 95 -2.24 3.11 4.36
N ALA B 96 -2.32 1.99 5.08
CA ALA B 96 -1.21 1.50 5.87
C ALA B 96 -1.15 -0.02 5.75
N GLU B 97 0.07 -0.56 5.75
CA GLU B 97 0.25 -1.99 5.73
C GLU B 97 1.41 -2.37 6.63
N PHE B 98 1.26 -3.47 7.34
CA PHE B 98 2.27 -3.98 8.24
C PHE B 98 2.57 -5.44 7.92
N ARG B 99 3.81 -5.84 8.16
CA ARG B 99 4.28 -7.20 7.95
C ARG B 99 4.89 -7.64 9.27
N PHE B 100 4.31 -8.67 9.88
CA PHE B 100 4.72 -9.09 11.21
C PHE B 100 5.75 -10.20 11.12
N ASP B 101 6.60 -10.28 12.14
CA ASP B 101 7.56 -11.37 12.22
C ASP B 101 6.84 -12.67 12.56
N ALA B 102 7.61 -13.76 12.64
CA ALA B 102 7.00 -15.08 12.79
C ALA B 102 6.23 -15.20 14.11
N ASP B 103 6.77 -14.64 15.19
CA ASP B 103 6.18 -14.81 16.52
C ASP B 103 5.47 -13.56 17.00
N LEU B 104 5.02 -12.71 16.08
CA LEU B 104 4.14 -11.58 16.38
C LEU B 104 4.74 -10.59 17.38
N LYS B 105 6.08 -10.57 17.50
CA LYS B 105 6.72 -9.61 18.38
C LYS B 105 6.55 -8.19 17.84
N SER B 106 6.91 -7.98 16.58
CA SER B 106 6.93 -6.65 16.00
C SER B 106 6.47 -6.73 14.55
N ALA B 107 6.48 -5.59 13.87
CA ALA B 107 6.06 -5.50 12.49
C ALA B 107 6.71 -4.29 11.83
N GLU B 108 7.00 -4.44 10.53
CA GLU B 108 7.47 -3.33 9.70
C GLU B 108 6.38 -2.97 8.72
N GLY B 109 6.03 -1.68 8.64
CA GLY B 109 4.95 -1.26 7.78
C GLY B 109 5.25 0.07 7.11
N HIS B 110 4.34 0.46 6.24
CA HIS B 110 4.43 1.75 5.57
C HIS B 110 3.03 2.31 5.35
N TYR B 111 2.97 3.64 5.23
CA TYR B 111 1.72 4.36 5.11
C TYR B 111 1.85 5.44 4.04
N PHE B 112 0.71 5.74 3.42
CA PHE B 112 0.61 6.71 2.34
C PHE B 112 -0.71 7.45 2.46
N ASN B 113 -0.66 8.77 2.58
CA ASN B 113 -1.83 9.63 2.63
C ASN B 113 -1.87 10.49 1.37
N GLY B 114 -2.99 10.43 0.65
CA GLY B 114 -3.18 11.22 -0.55
C GLY B 114 -4.03 12.45 -0.34
N ALA B 118 0.37 15.03 -0.32
CA ALA B 118 0.72 13.62 -0.28
C ALA B 118 1.85 13.36 0.70
N THR B 119 1.56 12.59 1.74
CA THR B 119 2.57 12.20 2.72
C THR B 119 2.76 10.68 2.67
N TYR B 120 3.91 10.23 3.15
CA TYR B 120 4.21 8.80 3.19
C TYR B 120 5.33 8.56 4.19
N GLY B 121 5.43 7.32 4.65
CA GLY B 121 6.49 7.00 5.59
C GLY B 121 6.49 5.53 5.96
N THR B 122 7.47 5.18 6.79
CA THR B 122 7.67 3.82 7.26
C THR B 122 7.50 3.77 8.77
N MET B 123 6.70 2.83 9.25
CA MET B 123 6.44 2.67 10.67
C MET B 123 7.02 1.35 11.18
N THR B 124 7.41 1.35 12.44
CA THR B 124 7.82 0.15 13.15
C THR B 124 6.90 -0.04 14.34
N ILE B 125 6.33 -1.24 14.44
CA ILE B 125 5.32 -1.57 15.44
C ILE B 125 5.91 -2.61 16.39
N THR B 126 5.75 -2.40 17.69
CA THR B 126 6.41 -3.22 18.70
C THR B 126 5.43 -3.50 19.83
N ARG B 127 5.03 -4.76 20.00
CA ARG B 127 4.00 -5.09 20.98
C ARG B 127 4.48 -4.77 22.40
N ILE B 128 3.55 -4.36 23.25
CA ILE B 128 3.86 -4.09 24.65
C ILE B 128 2.59 -4.18 25.49
#